data_3D8P
#
_entry.id   3D8P
#
_cell.length_a   135.597
_cell.length_b   135.597
_cell.length_c   103.578
_cell.angle_alpha   90.000
_cell.angle_beta   90.000
_cell.angle_gamma   90.000
#
_symmetry.space_group_name_H-M   'I 4 2 2'
#
loop_
_entity.id
_entity.type
_entity.pdbx_description
1 polymer 'acetyltransferase of GNAT family'
2 non-polymer 'CALCIUM ION'
3 non-polymer 'ACETATE ION'
4 non-polymer 1,2-ETHANEDIOL
5 water water
#
_entity_poly.entity_id   1
_entity_poly.type   'polypeptide(L)'
_entity_poly.pdbx_seq_one_letter_code
;G(MSE)AINIIEYNRSYKEELIEFILSIQKNEFNIKIDRDDQPDLENIEHNYLNSGGQFWLAINNHQNIVGTIGLIRLDN
N(MSE)SALKK(MSE)FVDKGYRNLKIGKKLLDKVI(MSE)TCKEQNIDGIYLGTIDKFISAQYFYSNNGFREIKRGDLP
SSFPKLDVDNRFYYRNLKD
;
_entity_poly.pdbx_strand_id   A,B
#
# COMPACT_ATOMS: atom_id res chain seq x y z
N ALA A 3 -2.07 4.59 -18.86
CA ALA A 3 -1.58 3.24 -18.49
C ALA A 3 -0.82 3.26 -17.15
N ILE A 4 0.00 4.30 -16.92
CA ILE A 4 0.91 4.38 -15.77
C ILE A 4 0.76 5.65 -14.90
N ASN A 5 0.84 5.48 -13.58
CA ASN A 5 0.78 6.59 -12.60
C ASN A 5 1.98 6.52 -11.67
N ILE A 6 2.43 7.68 -11.18
CA ILE A 6 3.56 7.74 -10.25
C ILE A 6 2.98 8.12 -8.88
N ILE A 7 3.28 7.31 -7.88
CA ILE A 7 2.86 7.55 -6.51
C ILE A 7 4.06 7.48 -5.57
N GLU A 8 3.91 8.04 -4.38
CA GLU A 8 4.91 7.89 -3.38
C GLU A 8 4.77 6.48 -2.83
N TYR A 9 5.91 5.89 -2.46
CA TYR A 9 5.92 4.60 -1.79
C TYR A 9 5.06 4.71 -0.52
N ASN A 10 4.29 3.66 -0.24
CA ASN A 10 3.68 3.50 1.07
C ASN A 10 4.01 2.07 1.55
N ARG A 11 3.90 1.83 2.86
CA ARG A 11 4.30 0.55 3.51
C ARG A 11 3.64 -0.71 3.00
N SER A 12 2.46 -0.58 2.40
CA SER A 12 1.77 -1.75 1.86
C SER A 12 2.59 -2.40 0.78
N TYR A 13 3.45 -1.61 0.12
CA TYR A 13 4.24 -2.08 -1.01
C TYR A 13 5.57 -2.71 -0.64
N LYS A 14 5.90 -2.79 0.66
CA LYS A 14 7.19 -3.32 1.11
C LYS A 14 7.62 -4.62 0.44
N GLU A 15 6.81 -5.65 0.57
CA GLU A 15 7.20 -6.97 0.07
C GLU A 15 7.22 -7.05 -1.46
N GLU A 16 6.24 -6.41 -2.09
CA GLU A 16 6.19 -6.32 -3.55
C GLU A 16 7.43 -5.62 -4.11
N LEU A 17 7.81 -4.51 -3.48
CA LEU A 17 8.95 -3.71 -3.90
C LEU A 17 10.24 -4.52 -3.85
N ILE A 18 10.47 -5.17 -2.71
CA ILE A 18 11.62 -6.04 -2.54
C ILE A 18 11.67 -7.19 -3.57
N GLU A 19 10.57 -7.91 -3.78
CA GLU A 19 10.55 -8.97 -4.81
C GLU A 19 10.77 -8.45 -6.24
N PHE A 20 10.26 -7.26 -6.52
CA PHE A 20 10.44 -6.60 -7.83
C PHE A 20 11.91 -6.28 -8.09
N ILE A 21 12.54 -5.58 -7.17
CA ILE A 21 13.94 -5.22 -7.32
C ILE A 21 14.81 -6.49 -7.40
N LEU A 22 14.65 -7.41 -6.45
CA LEU A 22 15.42 -8.64 -6.42
C LEU A 22 15.29 -9.53 -7.65
N SER A 23 14.10 -9.63 -8.24
CA SER A 23 13.91 -10.45 -9.46
C SER A 23 14.70 -9.86 -10.62
N ILE A 24 14.67 -8.54 -10.78
CA ILE A 24 15.45 -7.85 -11.82
C ILE A 24 16.97 -8.03 -11.60
N GLN A 25 17.44 -7.69 -10.39
CA GLN A 25 18.85 -7.80 -10.02
C GLN A 25 19.43 -9.20 -10.20
N LYS A 26 18.72 -10.20 -9.65
CA LYS A 26 19.22 -11.57 -9.55
C LYS A 26 18.89 -12.44 -10.75
N ASN A 27 17.65 -12.34 -11.23
CA ASN A 27 17.22 -13.17 -12.33
C ASN A 27 17.62 -12.63 -13.68
N GLU A 28 17.38 -11.34 -13.90
CA GLU A 28 17.64 -10.76 -15.23
C GLU A 28 19.09 -10.33 -15.45
N PHE A 29 19.69 -9.69 -14.44
CA PHE A 29 21.06 -9.19 -14.56
C PHE A 29 22.13 -10.09 -13.91
N ASN A 30 21.68 -11.16 -13.25
N ASN A 30 21.71 -11.18 -13.28
CA ASN A 30 22.57 -12.11 -12.59
CA ASN A 30 22.63 -12.11 -12.58
C ASN A 30 23.57 -11.40 -11.63
C ASN A 30 23.60 -11.38 -11.64
N ILE A 31 23.10 -10.39 -10.92
CA ILE A 31 23.94 -9.67 -9.95
C ILE A 31 24.05 -10.47 -8.66
N LYS A 32 25.26 -10.61 -8.14
CA LYS A 32 25.47 -11.36 -6.89
C LYS A 32 25.07 -10.42 -5.75
N ILE A 33 23.80 -10.46 -5.40
CA ILE A 33 23.26 -9.55 -4.39
C ILE A 33 21.99 -10.19 -3.88
N ASP A 34 21.66 -9.99 -2.62
CA ASP A 34 20.39 -10.53 -2.16
C ASP A 34 19.69 -9.60 -1.18
N ARG A 35 18.65 -10.07 -0.52
CA ARG A 35 17.86 -9.17 0.33
C ARG A 35 18.64 -8.59 1.51
N ASP A 36 19.47 -9.42 2.15
CA ASP A 36 20.20 -8.97 3.33
C ASP A 36 21.41 -8.09 2.99
N ASP A 37 21.69 -7.87 1.70
CA ASP A 37 22.68 -6.88 1.26
C ASP A 37 22.04 -5.50 1.14
N GLN A 38 20.72 -5.43 1.27
CA GLN A 38 20.00 -4.18 0.97
C GLN A 38 19.05 -3.81 2.09
N PRO A 39 19.59 -3.61 3.30
CA PRO A 39 18.75 -3.25 4.45
C PRO A 39 17.91 -1.98 4.28
N ASP A 40 18.33 -1.02 3.46
CA ASP A 40 17.54 0.21 3.26
C ASP A 40 16.14 -0.12 2.79
N LEU A 41 16.00 -1.19 2.01
CA LEU A 41 14.69 -1.62 1.53
C LEU A 41 13.76 -2.16 2.65
N GLU A 42 14.31 -2.51 3.81
CA GLU A 42 13.50 -3.00 4.93
C GLU A 42 12.72 -1.89 5.61
N ASN A 43 13.21 -0.65 5.48
CA ASN A 43 12.64 0.50 6.17
C ASN A 43 12.68 1.71 5.19
N ILE A 44 11.88 1.73 4.12
CA ILE A 44 11.92 2.79 3.10
C ILE A 44 11.46 4.12 3.66
N GLU A 45 10.39 4.15 4.44
CA GLU A 45 9.92 5.40 5.05
C GLU A 45 11.06 6.00 5.86
N HIS A 46 11.71 5.19 6.69
CA HIS A 46 12.76 5.69 7.53
C HIS A 46 13.99 6.12 6.72
N ASN A 47 14.45 5.25 5.82
CA ASN A 47 15.68 5.55 5.06
C ASN A 47 15.55 6.59 3.97
N TYR A 48 14.37 6.72 3.37
CA TYR A 48 14.16 7.64 2.24
C TYR A 48 13.22 8.79 2.55
N LEU A 49 12.00 8.49 3.00
CA LEU A 49 10.99 9.51 3.17
C LEU A 49 11.21 10.40 4.38
N ASN A 50 11.58 9.83 5.52
CA ASN A 50 11.72 10.59 6.75
C ASN A 50 13.03 11.32 6.89
N SER A 51 13.96 10.98 6.01
CA SER A 51 15.30 11.50 6.02
C SER A 51 15.47 12.67 5.08
N GLY A 52 14.38 13.15 4.47
CA GLY A 52 14.48 14.26 3.53
C GLY A 52 14.69 13.80 2.09
N GLY A 53 14.49 12.50 1.84
CA GLY A 53 14.66 11.92 0.52
C GLY A 53 13.33 11.69 -0.17
N GLN A 54 13.33 10.80 -1.17
CA GLN A 54 12.18 10.47 -1.97
C GLN A 54 12.17 8.98 -2.32
N PHE A 55 10.97 8.43 -2.49
CA PHE A 55 10.84 7.12 -3.08
C PHE A 55 9.49 7.06 -3.78
N TRP A 56 9.55 6.91 -5.11
CA TRP A 56 8.40 6.92 -5.99
C TRP A 56 8.23 5.58 -6.67
N LEU A 57 6.98 5.21 -6.91
CA LEU A 57 6.64 3.99 -7.63
C LEU A 57 5.85 4.34 -8.86
N ALA A 58 6.21 3.71 -9.98
CA ALA A 58 5.41 3.75 -11.18
C ALA A 58 4.53 2.51 -11.06
N ILE A 59 3.22 2.71 -11.18
CA ILE A 59 2.27 1.64 -11.01
C ILE A 59 1.31 1.57 -12.20
N ASN A 60 0.84 0.35 -12.48
CA ASN A 60 -0.08 0.15 -13.59
C ASN A 60 -1.54 0.28 -13.11
N ASN A 61 -2.48 -0.09 -13.99
CA ASN A 61 -3.91 0.01 -13.71
C ASN A 61 -4.36 -0.87 -12.54
N HIS A 62 -3.63 -1.95 -12.28
CA HIS A 62 -3.89 -2.85 -11.16
C HIS A 62 -3.16 -2.40 -9.88
N GLN A 63 -2.49 -1.26 -9.99
CA GLN A 63 -1.71 -0.62 -8.93
C GLN A 63 -0.46 -1.43 -8.49
N ASN A 64 0.03 -2.26 -9.40
CA ASN A 64 1.25 -2.99 -9.16
C ASN A 64 2.45 -2.20 -9.63
N ILE A 65 3.57 -2.44 -8.99
CA ILE A 65 4.82 -1.76 -9.28
C ILE A 65 5.35 -2.21 -10.63
N VAL A 66 5.59 -1.22 -11.52
CA VAL A 66 6.25 -1.47 -12.79
C VAL A 66 7.56 -0.66 -12.88
N GLY A 67 7.82 0.21 -11.89
CA GLY A 67 9.03 0.96 -11.82
C GLY A 67 9.27 1.57 -10.44
N THR A 68 10.54 1.86 -10.16
CA THR A 68 10.92 2.43 -8.87
C THR A 68 12.02 3.46 -9.03
N ILE A 69 12.10 4.37 -8.06
CA ILE A 69 13.21 5.33 -8.04
C ILE A 69 13.30 5.93 -6.64
N GLY A 70 14.50 5.95 -6.10
CA GLY A 70 14.77 6.52 -4.80
C GLY A 70 15.77 7.66 -4.86
N LEU A 71 15.75 8.51 -3.85
CA LEU A 71 16.71 9.59 -3.72
C LEU A 71 17.05 9.76 -2.27
N ILE A 72 18.35 9.81 -1.98
CA ILE A 72 18.79 10.25 -0.65
C ILE A 72 19.40 11.64 -0.71
N ARG A 73 19.20 12.38 0.35
CA ARG A 73 19.74 13.68 0.51
C ARG A 73 21.14 13.63 1.14
N LEU A 74 22.12 14.29 0.51
CA LEU A 74 23.51 14.33 1.02
C LEU A 74 23.73 15.66 1.68
N ASP A 75 24.95 15.91 2.19
CA ASP A 75 25.32 17.24 2.72
C ASP A 75 25.48 18.24 1.54
N ASN A 76 25.51 19.52 1.84
CA ASN A 76 25.84 20.55 0.84
C ASN A 76 24.82 20.60 -0.32
N ASN A 77 23.56 20.32 0.03
CA ASN A 77 22.42 20.35 -0.85
C ASN A 77 22.53 19.48 -2.10
N SER A 79 22.42 15.26 -3.63
CA SER A 79 21.57 14.08 -3.46
C SER A 79 22.16 12.89 -4.21
N ALA A 80 21.71 11.70 -3.86
CA ALA A 80 22.07 10.47 -4.54
C ALA A 80 20.83 9.68 -4.99
N LEU A 81 20.84 9.29 -6.26
CA LEU A 81 19.78 8.47 -6.85
C LEU A 81 20.03 7.01 -6.46
N LYS A 82 18.96 6.31 -6.09
CA LYS A 82 19.01 4.93 -5.68
C LYS A 82 17.86 4.10 -6.24
N LYS A 83 18.15 2.81 -6.43
CA LYS A 83 17.14 1.79 -6.76
C LYS A 83 16.21 2.19 -7.89
N PHE A 85 14.63 1.16 -11.23
CA PHE A 85 14.32 -0.08 -11.92
C PHE A 85 13.02 0.08 -12.68
N VAL A 86 12.91 -0.59 -13.83
CA VAL A 86 11.72 -0.55 -14.67
C VAL A 86 11.49 -1.95 -15.17
N ASP A 87 10.26 -2.41 -15.06
CA ASP A 87 9.88 -3.72 -15.55
C ASP A 87 10.31 -3.86 -17.03
N LYS A 88 10.89 -5.02 -17.36
CA LYS A 88 11.38 -5.31 -18.73
C LYS A 88 10.24 -5.16 -19.74
N GLY A 89 9.05 -5.64 -19.38
CA GLY A 89 7.88 -5.55 -20.24
C GLY A 89 7.29 -4.14 -20.40
N TYR A 90 7.91 -3.14 -19.76
CA TYR A 90 7.44 -1.74 -19.81
C TYR A 90 8.57 -0.73 -20.10
N ARG A 91 9.71 -1.18 -20.62
CA ARG A 91 10.89 -0.28 -20.80
C ARG A 91 10.90 0.66 -22.01
N ASN A 92 9.96 0.53 -22.95
CA ASN A 92 9.88 1.52 -24.03
C ASN A 92 8.49 2.19 -24.00
N LEU A 93 8.14 2.63 -22.79
CA LEU A 93 6.95 3.44 -22.55
C LEU A 93 7.37 4.74 -21.81
N LYS A 94 8.66 5.04 -21.83
CA LYS A 94 9.23 6.23 -21.17
C LYS A 94 8.92 6.35 -19.66
N ILE A 95 8.83 5.19 -19.00
CA ILE A 95 8.58 5.11 -17.55
C ILE A 95 9.80 5.60 -16.74
N GLY A 96 11.00 5.22 -17.15
CA GLY A 96 12.23 5.74 -16.53
C GLY A 96 12.29 7.26 -16.53
N LYS A 97 11.98 7.85 -17.68
CA LYS A 97 11.95 9.31 -17.86
C LYS A 97 10.95 9.96 -16.90
N LYS A 98 9.73 9.42 -16.84
CA LYS A 98 8.68 9.92 -15.96
C LYS A 98 9.09 9.84 -14.47
N LEU A 99 9.71 8.74 -14.08
CA LEU A 99 10.24 8.60 -12.71
C LEU A 99 11.30 9.66 -12.43
N LEU A 100 12.27 9.78 -13.32
CA LEU A 100 13.33 10.78 -13.18
C LEU A 100 12.80 12.21 -13.10
N ASP A 101 11.91 12.54 -14.03
CA ASP A 101 11.24 13.85 -14.04
C ASP A 101 10.58 14.19 -12.71
N LYS A 102 9.96 13.19 -12.08
CA LYS A 102 9.30 13.36 -10.79
C LYS A 102 10.31 13.71 -9.73
N VAL A 103 11.43 12.99 -9.75
CA VAL A 103 12.57 13.28 -8.86
C VAL A 103 13.12 14.70 -9.15
N ILE A 104 13.39 15.02 -10.41
CA ILE A 104 13.97 16.35 -10.73
C ILE A 104 13.04 17.48 -10.25
N THR A 106 10.80 17.34 -7.85
CA THR A 106 10.76 17.35 -6.38
C THR A 106 12.06 17.94 -5.82
N CYS A 107 13.18 17.67 -6.46
CA CYS A 107 14.46 18.23 -6.06
C CYS A 107 14.45 19.75 -6.18
N LYS A 108 13.82 20.26 -7.25
CA LYS A 108 13.73 21.71 -7.43
C LYS A 108 12.92 22.35 -6.30
N GLU A 109 11.80 21.74 -5.92
CA GLU A 109 11.01 22.26 -4.82
C GLU A 109 11.81 22.24 -3.52
N GLN A 110 12.67 21.25 -3.34
CA GLN A 110 13.39 21.08 -2.10
C GLN A 110 14.80 21.69 -2.07
N ASN A 111 15.12 22.53 -3.06
CA ASN A 111 16.43 23.21 -3.15
C ASN A 111 17.66 22.29 -3.22
N ILE A 112 17.52 21.19 -3.97
CA ILE A 112 18.61 20.26 -4.19
C ILE A 112 19.25 20.68 -5.50
N ASP A 113 20.57 20.89 -5.45
CA ASP A 113 21.36 21.38 -6.57
C ASP A 113 21.81 20.35 -7.57
N GLY A 114 21.80 19.09 -7.18
CA GLY A 114 22.34 18.07 -8.08
C GLY A 114 22.09 16.69 -7.58
N ILE A 115 22.34 15.73 -8.47
CA ILE A 115 22.08 14.32 -8.25
C ILE A 115 23.27 13.50 -8.70
N TYR A 116 23.86 12.79 -7.73
CA TYR A 116 24.93 11.85 -7.99
C TYR A 116 24.33 10.46 -8.03
N LEU A 117 25.01 9.52 -8.68
CA LEU A 117 24.64 8.13 -8.61
C LEU A 117 25.84 7.27 -8.90
N GLY A 118 25.82 6.06 -8.35
CA GLY A 118 26.76 5.00 -8.69
C GLY A 118 25.92 3.86 -9.23
N THR A 119 26.46 3.11 -10.17
CA THR A 119 25.77 1.95 -10.74
C THR A 119 26.83 0.92 -11.17
N ILE A 120 26.40 -0.26 -11.60
N ILE A 120 26.37 -0.30 -11.41
CA ILE A 120 27.33 -1.35 -11.95
CA ILE A 120 27.28 -1.33 -11.85
C ILE A 120 27.41 -1.44 -13.48
C ILE A 120 27.09 -1.37 -13.34
N ASP A 121 28.51 -1.97 -14.03
N ASP A 121 28.19 -1.71 -14.01
CA ASP A 121 28.65 -1.99 -15.48
CA ASP A 121 28.27 -1.72 -15.47
C ASP A 121 27.63 -2.93 -16.13
C ASP A 121 27.47 -2.85 -16.11
N LYS A 122 27.08 -3.87 -15.33
CA LYS A 122 26.12 -4.88 -15.80
C LYS A 122 24.79 -4.25 -16.24
N PHE A 123 24.44 -3.09 -15.68
CA PHE A 123 23.27 -2.34 -16.13
C PHE A 123 23.65 -1.50 -17.36
N ILE A 124 23.84 -2.19 -18.49
CA ILE A 124 24.27 -1.59 -19.76
C ILE A 124 23.31 -0.50 -20.25
N SER A 125 22.03 -0.84 -20.33
CA SER A 125 21.02 0.10 -20.80
C SER A 125 20.88 1.32 -19.89
N ALA A 126 20.94 1.11 -18.57
CA ALA A 126 20.82 2.20 -17.61
C ALA A 126 21.90 3.26 -17.80
N GLN A 127 23.09 2.87 -18.24
CA GLN A 127 24.21 3.81 -18.47
C GLN A 127 23.84 4.77 -19.60
N TYR A 128 23.40 4.22 -20.73
CA TYR A 128 22.94 5.02 -21.84
C TYR A 128 21.76 5.89 -21.45
N PHE A 129 20.86 5.37 -20.62
CA PHE A 129 19.74 6.16 -20.12
C PHE A 129 20.21 7.40 -19.35
N TYR A 130 21.13 7.21 -18.41
CA TYR A 130 21.64 8.34 -17.63
C TYR A 130 22.35 9.35 -18.53
N SER A 131 23.18 8.86 -19.45
CA SER A 131 23.90 9.71 -20.39
C SER A 131 22.98 10.53 -21.28
N ASN A 132 21.82 9.96 -21.60
CA ASN A 132 20.84 10.60 -22.45
C ASN A 132 19.87 11.50 -21.67
N ASN A 133 19.96 11.45 -20.35
CA ASN A 133 19.11 12.23 -19.47
C ASN A 133 19.84 13.15 -18.50
N GLY A 134 20.86 13.82 -19.01
CA GLY A 134 21.53 14.94 -18.32
C GLY A 134 22.64 14.60 -17.36
N PHE A 135 23.05 13.34 -17.32
CA PHE A 135 24.08 12.89 -16.40
C PHE A 135 25.43 12.81 -17.09
N ARG A 136 26.46 13.32 -16.43
CA ARG A 136 27.82 13.18 -16.96
C ARG A 136 28.53 12.15 -16.11
N GLU A 137 29.46 11.42 -16.68
CA GLU A 137 30.26 10.45 -15.93
C GLU A 137 31.37 11.15 -15.21
N ILE A 138 31.51 10.78 -13.92
CA ILE A 138 32.52 11.36 -13.03
C ILE A 138 33.43 10.24 -12.48
N LYS A 139 34.54 10.64 -11.90
CA LYS A 139 35.50 9.71 -11.36
C LYS A 139 35.16 9.46 -9.90
N ARG A 140 35.56 8.31 -9.40
CA ARG A 140 35.37 7.94 -8.00
C ARG A 140 35.91 9.05 -7.06
N GLY A 141 37.09 9.59 -7.37
CA GLY A 141 37.70 10.70 -6.60
C GLY A 141 36.96 12.05 -6.70
N ASP A 142 36.00 12.18 -7.60
CA ASP A 142 35.17 13.36 -7.73
C ASP A 142 33.95 13.34 -6.81
N LEU A 143 33.62 12.18 -6.22
CA LEU A 143 32.42 12.05 -5.38
C LEU A 143 32.63 12.81 -4.07
N PRO A 144 31.57 13.46 -3.56
CA PRO A 144 31.70 14.17 -2.28
C PRO A 144 31.80 13.21 -1.11
N SER A 145 32.32 13.68 0.02
CA SER A 145 32.51 12.80 1.18
C SER A 145 31.22 12.18 1.78
N SER A 146 30.06 12.80 1.62
CA SER A 146 28.83 12.22 2.20
C SER A 146 28.14 11.28 1.25
N PHE A 147 28.69 11.11 0.05
CA PHE A 147 28.17 10.16 -0.87
C PHE A 147 28.63 8.77 -0.39
N PRO A 148 27.67 7.86 -0.12
CA PRO A 148 28.05 6.53 0.37
C PRO A 148 28.66 5.67 -0.73
N LYS A 149 29.91 5.27 -0.59
CA LYS A 149 30.55 4.47 -1.66
C LYS A 149 30.21 2.98 -1.50
N LEU A 150 29.77 2.35 -2.59
CA LEU A 150 29.45 0.90 -2.63
C LEU A 150 30.51 0.12 -3.43
N ASP A 153 29.43 -0.73 -6.91
CA ASP A 153 29.40 0.28 -7.97
C ASP A 153 30.76 0.50 -8.59
N ASN A 154 30.75 0.66 -9.90
CA ASN A 154 31.96 0.96 -10.62
C ASN A 154 31.81 2.06 -11.64
N ARG A 155 30.61 2.64 -11.77
CA ARG A 155 30.42 3.76 -12.69
C ARG A 155 29.65 4.83 -11.93
N PHE A 156 30.11 6.07 -12.06
CA PHE A 156 29.54 7.19 -11.30
C PHE A 156 29.11 8.32 -12.21
N TYR A 157 28.03 8.97 -11.86
CA TYR A 157 27.46 10.00 -12.68
C TYR A 157 26.92 11.16 -11.84
N TYR A 158 26.74 12.30 -12.48
CA TYR A 158 26.22 13.49 -11.86
C TYR A 158 25.37 14.28 -12.86
N ARG A 159 24.23 14.76 -12.37
CA ARG A 159 23.37 15.64 -13.09
C ARG A 159 23.18 16.90 -12.28
N ASN A 160 23.54 18.03 -12.87
CA ASN A 160 23.36 19.34 -12.29
C ASN A 160 21.95 19.85 -12.51
N LEU A 161 21.33 20.33 -11.45
CA LEU A 161 19.97 20.86 -11.53
C LEU A 161 20.00 22.38 -11.52
N LYS A 162 20.85 22.96 -10.66
CA LYS A 162 21.09 24.41 -10.56
C LYS A 162 21.77 24.99 -11.82
N ALA B 3 -34.00 9.00 7.25
CA ALA B 3 -34.49 7.61 6.93
C ALA B 3 -33.50 6.57 7.48
N ILE B 4 -32.21 6.82 7.19
CA ILE B 4 -31.09 5.95 7.57
C ILE B 4 -30.04 6.74 8.35
N ASN B 5 -29.78 6.31 9.59
CA ASN B 5 -28.77 6.93 10.46
C ASN B 5 -27.67 5.93 10.77
N ILE B 6 -26.48 6.45 11.07
CA ILE B 6 -25.36 5.62 11.46
C ILE B 6 -25.19 5.83 12.95
N ILE B 7 -25.11 4.74 13.71
CA ILE B 7 -24.83 4.85 15.13
C ILE B 7 -23.72 3.91 15.47
N GLU B 8 -23.11 4.14 16.60
CA GLU B 8 -22.16 3.20 17.14
C GLU B 8 -22.93 2.02 17.71
N TYR B 9 -22.31 0.87 17.63
CA TYR B 9 -22.86 -0.33 18.21
C TYR B 9 -23.08 -0.15 19.71
N ASN B 10 -24.22 -0.65 20.19
CA ASN B 10 -24.38 -0.84 21.64
C ASN B 10 -24.81 -2.29 21.88
N ARG B 11 -24.62 -2.78 23.10
CA ARG B 11 -24.83 -4.19 23.46
C ARG B 11 -26.24 -4.71 23.22
N SER B 12 -27.25 -3.83 23.19
CA SER B 12 -28.61 -4.31 22.96
C SER B 12 -28.72 -4.95 21.59
N TYR B 13 -27.78 -4.64 20.71
CA TYR B 13 -27.79 -5.12 19.33
C TYR B 13 -27.06 -6.47 19.13
N LYS B 14 -26.50 -7.04 20.18
CA LYS B 14 -25.67 -8.23 20.05
C LYS B 14 -26.24 -9.35 19.21
N GLU B 15 -27.36 -9.93 19.63
CA GLU B 15 -27.92 -11.05 18.88
C GLU B 15 -28.50 -10.65 17.53
N GLU B 16 -29.07 -9.45 17.42
CA GLU B 16 -29.56 -8.99 16.09
C GLU B 16 -28.38 -8.84 15.12
N LEU B 17 -27.26 -8.30 15.62
CA LEU B 17 -26.08 -8.11 14.81
C LEU B 17 -25.55 -9.44 14.33
N ILE B 18 -25.43 -10.38 15.25
CA ILE B 18 -24.89 -11.68 14.89
C ILE B 18 -25.75 -12.39 13.86
N GLU B 19 -27.06 -12.38 14.06
N GLU B 19 -27.06 -12.37 14.06
CA GLU B 19 -28.02 -12.99 13.12
CA GLU B 19 -28.01 -12.99 13.13
C GLU B 19 -27.95 -12.31 11.76
C GLU B 19 -27.95 -12.31 11.77
N PHE B 20 -27.84 -10.98 11.75
CA PHE B 20 -27.76 -10.21 10.51
C PHE B 20 -26.52 -10.66 9.71
N ILE B 21 -25.38 -10.72 10.37
CA ILE B 21 -24.13 -11.12 9.68
C ILE B 21 -24.17 -12.59 9.20
N LEU B 22 -24.54 -13.48 10.10
CA LEU B 22 -24.57 -14.90 9.79
C LEU B 22 -25.55 -15.25 8.67
N SER B 23 -26.70 -14.60 8.64
N SER B 23 -26.69 -14.56 8.61
CA SER B 23 -27.68 -14.78 7.56
CA SER B 23 -27.68 -14.85 7.55
C SER B 23 -27.12 -14.45 6.18
C SER B 23 -27.19 -14.41 6.16
N ILE B 24 -26.43 -13.33 6.09
CA ILE B 24 -25.85 -12.91 4.79
C ILE B 24 -24.73 -13.88 4.42
N GLN B 25 -23.82 -14.14 5.36
CA GLN B 25 -22.73 -15.07 5.16
C GLN B 25 -23.21 -16.47 4.73
N LYS B 26 -24.05 -17.05 5.57
CA LYS B 26 -24.45 -18.46 5.45
C LYS B 26 -25.66 -18.69 4.56
N ASN B 27 -26.75 -18.00 4.84
CA ASN B 27 -28.02 -18.25 4.14
C ASN B 27 -28.00 -17.75 2.70
N GLU B 28 -27.39 -16.58 2.49
CA GLU B 28 -27.39 -15.93 1.21
C GLU B 28 -26.16 -16.25 0.39
N PHE B 29 -24.96 -16.22 0.97
CA PHE B 29 -23.74 -16.48 0.19
C PHE B 29 -23.14 -17.87 0.40
N ASN B 30 -23.77 -18.68 1.24
CA ASN B 30 -23.30 -20.04 1.53
C ASN B 30 -21.81 -20.14 1.85
N ILE B 31 -21.34 -19.22 2.68
CA ILE B 31 -19.97 -19.23 3.14
C ILE B 31 -19.92 -20.25 4.25
N LYS B 32 -18.91 -21.12 4.22
CA LYS B 32 -18.71 -22.13 5.26
C LYS B 32 -18.01 -21.46 6.47
N ILE B 33 -18.77 -20.63 7.15
CA ILE B 33 -18.31 -19.92 8.33
C ILE B 33 -19.46 -19.96 9.35
N ASP B 34 -19.07 -20.02 10.63
CA ASP B 34 -19.94 -20.16 11.79
C ASP B 34 -19.76 -19.02 12.81
N ARG B 35 -20.65 -18.95 13.77
CA ARG B 35 -20.56 -18.01 14.87
C ARG B 35 -19.28 -18.26 15.66
N ASP B 36 -18.98 -19.53 15.91
CA ASP B 36 -17.73 -19.89 16.61
C ASP B 36 -16.45 -19.45 15.93
N ASP B 37 -16.49 -19.28 14.62
CA ASP B 37 -15.34 -18.75 13.86
C ASP B 37 -15.17 -17.25 14.02
N GLN B 38 -16.16 -16.57 14.59
CA GLN B 38 -16.14 -15.13 14.71
C GLN B 38 -16.36 -14.64 16.16
N PRO B 39 -15.52 -15.09 17.09
CA PRO B 39 -15.67 -14.79 18.51
C PRO B 39 -15.58 -13.31 18.82
N ASP B 40 -14.98 -12.54 17.92
CA ASP B 40 -14.91 -11.09 18.08
C ASP B 40 -16.31 -10.51 18.19
N LEU B 41 -17.29 -11.15 17.55
CA LEU B 41 -18.68 -10.69 17.57
C LEU B 41 -19.37 -10.89 18.94
N GLU B 42 -18.79 -11.70 19.82
CA GLU B 42 -19.39 -11.94 21.13
C GLU B 42 -19.23 -10.75 22.06
N ASN B 43 -18.28 -9.86 21.75
CA ASN B 43 -18.06 -8.65 22.54
C ASN B 43 -17.41 -7.57 21.68
N ILE B 44 -18.25 -6.85 20.95
CA ILE B 44 -17.83 -5.78 20.02
C ILE B 44 -17.15 -4.69 20.83
N GLU B 45 -17.71 -4.35 21.97
CA GLU B 45 -17.09 -3.32 22.82
C GLU B 45 -15.66 -3.67 23.19
N HIS B 46 -15.42 -4.91 23.64
CA HIS B 46 -14.05 -5.32 24.00
C HIS B 46 -13.12 -5.40 22.77
N ASN B 47 -13.61 -6.04 21.72
CA ASN B 47 -12.80 -6.38 20.56
C ASN B 47 -12.64 -5.27 19.54
N TYR B 48 -13.57 -4.31 19.50
CA TYR B 48 -13.52 -3.24 18.53
C TYR B 48 -13.38 -1.89 19.17
N LEU B 49 -14.29 -1.55 20.08
CA LEU B 49 -14.36 -0.20 20.60
C LEU B 49 -13.26 0.10 21.58
N ASN B 50 -13.10 -0.76 22.58
CA ASN B 50 -12.16 -0.48 23.69
C ASN B 50 -10.72 -0.51 23.26
N SER B 51 -10.43 -1.17 22.14
CA SER B 51 -9.09 -1.30 21.62
C SER B 51 -8.66 -0.17 20.66
N GLY B 52 -9.50 0.85 20.47
CA GLY B 52 -9.20 1.97 19.54
C GLY B 52 -9.87 1.89 18.15
N GLY B 53 -10.69 0.85 17.95
CA GLY B 53 -11.35 0.62 16.68
C GLY B 53 -12.76 1.19 16.62
N GLN B 54 -13.55 0.68 15.70
CA GLN B 54 -14.89 1.19 15.45
C GLN B 54 -15.86 0.07 15.15
N PHE B 55 -17.13 0.34 15.42
CA PHE B 55 -18.18 -0.53 14.96
C PHE B 55 -19.42 0.32 14.80
N TRP B 56 -19.85 0.49 13.55
CA TRP B 56 -20.97 1.38 13.24
C TRP B 56 -22.13 0.58 12.69
N LEU B 57 -23.36 0.96 13.06
CA LEU B 57 -24.56 0.30 12.49
C LEU B 57 -25.35 1.31 11.70
N ALA B 58 -25.72 0.93 10.47
CA ALA B 58 -26.73 1.72 9.72
C ALA B 58 -28.07 1.16 10.16
N ILE B 59 -28.98 2.03 10.57
CA ILE B 59 -30.25 1.60 11.09
C ILE B 59 -31.35 2.37 10.39
N ASN B 60 -32.50 1.73 10.26
CA ASN B 60 -33.66 2.32 9.66
C ASN B 60 -34.57 3.00 10.68
N ASN B 61 -35.75 3.46 10.24
CA ASN B 61 -36.66 4.16 11.12
C ASN B 61 -37.20 3.33 12.29
N HIS B 62 -37.13 2.01 12.22
CA HIS B 62 -37.49 1.15 13.34
C HIS B 62 -36.29 0.85 14.25
N GLN B 63 -35.16 1.42 13.85
CA GLN B 63 -33.85 1.20 14.48
C GLN B 63 -33.32 -0.21 14.32
N ASN B 64 -33.77 -0.90 13.27
CA ASN B 64 -33.24 -2.18 12.89
C ASN B 64 -31.93 -1.95 12.15
N ILE B 65 -31.02 -2.93 12.26
CA ILE B 65 -29.76 -2.94 11.50
C ILE B 65 -30.04 -3.24 10.04
N VAL B 66 -29.63 -2.32 9.16
CA VAL B 66 -29.65 -2.51 7.73
C VAL B 66 -28.23 -2.54 7.14
N GLY B 67 -27.23 -2.19 7.95
CA GLY B 67 -25.85 -2.29 7.54
C GLY B 67 -24.92 -2.24 8.74
N THR B 68 -23.70 -2.77 8.51
CA THR B 68 -22.68 -2.89 9.51
C THR B 68 -21.28 -2.59 8.93
N ILE B 69 -20.39 -2.15 9.81
CA ILE B 69 -19.02 -1.99 9.43
C ILE B 69 -18.18 -1.96 10.69
N GLY B 70 -17.04 -2.65 10.66
CA GLY B 70 -16.12 -2.68 11.80
C GLY B 70 -14.71 -2.34 11.41
N LEU B 71 -13.96 -1.80 12.36
CA LEU B 71 -12.56 -1.53 12.11
C LEU B 71 -11.77 -1.94 13.34
N ILE B 72 -10.66 -2.66 13.13
CA ILE B 72 -9.74 -3.03 14.21
C ILE B 72 -8.44 -2.28 13.99
N ARG B 73 -7.90 -1.71 15.04
CA ARG B 73 -6.61 -1.06 14.99
C ARG B 73 -5.53 -2.11 15.06
N LEU B 74 -4.65 -2.15 14.06
CA LEU B 74 -3.51 -3.01 14.06
C LEU B 74 -2.37 -2.24 14.70
N ASP B 75 -1.17 -2.81 14.71
CA ASP B 75 0.01 -2.04 15.16
C ASP B 75 0.49 -1.25 13.96
N ASN B 76 1.49 -0.39 14.19
CA ASN B 76 2.16 0.31 13.11
C ASN B 76 1.15 1.23 12.37
N ASN B 77 0.17 1.73 13.12
CA ASN B 77 -0.82 2.67 12.60
C ASN B 77 -1.65 2.22 11.44
N SER B 79 -4.88 -0.59 10.14
CA SER B 79 -6.14 -1.06 10.60
C SER B 79 -6.65 -2.12 9.66
N ALA B 80 -7.70 -2.82 10.11
CA ALA B 80 -8.41 -3.87 9.36
C ALA B 80 -9.91 -3.57 9.29
N LEU B 81 -10.47 -3.59 8.08
CA LEU B 81 -11.89 -3.45 7.89
C LEU B 81 -12.52 -4.84 8.10
N LYS B 82 -13.68 -4.86 8.78
CA LYS B 82 -14.38 -6.12 9.13
C LYS B 82 -15.90 -5.96 9.01
N LYS B 83 -16.55 -7.08 8.74
CA LYS B 83 -18.01 -7.19 8.84
C LYS B 83 -18.76 -6.10 8.14
N PHE B 85 -21.38 -5.27 5.72
CA PHE B 85 -22.55 -5.92 5.17
C PHE B 85 -23.69 -4.94 5.07
N VAL B 86 -24.51 -5.12 4.03
CA VAL B 86 -25.71 -4.35 3.83
C VAL B 86 -26.90 -5.31 3.59
N ASP B 87 -28.04 -5.00 4.18
CA ASP B 87 -29.25 -5.79 4.03
C ASP B 87 -29.64 -5.86 2.54
N LYS B 88 -30.00 -7.07 2.07
CA LYS B 88 -30.39 -7.33 0.70
C LYS B 88 -31.49 -6.38 0.17
N GLY B 89 -32.37 -5.89 1.06
CA GLY B 89 -33.43 -4.97 0.65
C GLY B 89 -32.99 -3.51 0.60
N TYR B 90 -31.76 -3.22 1.01
CA TYR B 90 -31.24 -1.86 1.14
C TYR B 90 -29.97 -1.63 0.34
N ARG B 91 -29.69 -2.45 -0.65
CA ARG B 91 -28.39 -2.39 -1.39
C ARG B 91 -28.20 -1.29 -2.45
N ASN B 92 -29.27 -0.61 -2.83
CA ASN B 92 -29.19 0.47 -3.82
C ASN B 92 -29.39 1.87 -3.25
N LEU B 93 -29.01 2.06 -1.99
CA LEU B 93 -29.28 3.31 -1.30
C LEU B 93 -28.02 4.02 -0.81
N LYS B 94 -26.86 3.55 -1.27
CA LYS B 94 -25.57 4.14 -0.91
C LYS B 94 -25.24 3.99 0.60
N ILE B 95 -25.75 2.93 1.21
CA ILE B 95 -25.53 2.68 2.63
C ILE B 95 -24.09 2.22 2.87
N GLY B 96 -23.58 1.33 2.05
CA GLY B 96 -22.18 0.91 2.15
C GLY B 96 -21.22 2.07 2.07
N LYS B 97 -21.49 2.98 1.15
CA LYS B 97 -20.66 4.16 0.94
C LYS B 97 -20.66 5.03 2.18
N LYS B 98 -21.84 5.22 2.73
CA LYS B 98 -22.04 6.02 3.90
C LYS B 98 -21.32 5.42 5.12
N LEU B 99 -21.33 4.09 5.22
CA LEU B 99 -20.68 3.36 6.31
C LEU B 99 -19.17 3.50 6.17
N LEU B 100 -18.66 3.26 4.97
CA LEU B 100 -17.22 3.43 4.67
C LEU B 100 -16.72 4.87 4.93
N ASP B 101 -17.46 5.85 4.45
CA ASP B 101 -17.16 7.26 4.71
C ASP B 101 -17.07 7.59 6.20
N LYS B 102 -17.95 7.01 7.02
CA LYS B 102 -17.84 7.22 8.47
C LYS B 102 -16.50 6.67 9.01
N VAL B 103 -16.10 5.48 8.55
CA VAL B 103 -14.83 4.87 8.95
C VAL B 103 -13.61 5.67 8.44
N ILE B 104 -13.64 6.10 7.19
CA ILE B 104 -12.54 6.89 6.61
C ILE B 104 -12.33 8.18 7.41
N THR B 106 -13.39 8.88 10.50
CA THR B 106 -12.96 8.56 11.87
C THR B 106 -11.49 8.13 11.87
N CYS B 107 -11.04 7.43 10.83
CA CYS B 107 -9.62 7.04 10.70
C CYS B 107 -8.69 8.24 10.59
N LYS B 108 -9.13 9.22 9.80
CA LYS B 108 -8.37 10.46 9.63
C LYS B 108 -8.21 11.20 10.96
N GLU B 109 -9.29 11.29 11.73
CA GLU B 109 -9.21 11.87 13.07
C GLU B 109 -8.19 11.16 13.96
N GLN B 110 -8.09 9.84 13.84
CA GLN B 110 -7.23 9.02 14.69
C GLN B 110 -5.82 8.86 14.11
N ASN B 111 -5.54 9.59 13.03
CA ASN B 111 -4.28 9.54 12.29
C ASN B 111 -3.83 8.12 11.90
N ILE B 112 -4.80 7.27 11.55
CA ILE B 112 -4.56 5.93 11.02
C ILE B 112 -4.11 6.11 9.57
N ASP B 113 -3.08 5.38 9.17
CA ASP B 113 -2.44 5.52 7.85
C ASP B 113 -3.03 4.68 6.70
N GLY B 114 -3.77 3.64 7.04
CA GLY B 114 -4.31 2.77 6.03
C GLY B 114 -5.16 1.63 6.57
N ILE B 115 -5.93 1.04 5.66
CA ILE B 115 -6.91 0.00 5.95
C ILE B 115 -6.70 -1.21 5.04
N TYR B 116 -6.43 -2.33 5.70
CA TYR B 116 -6.33 -3.62 5.08
C TYR B 116 -7.69 -4.35 5.20
N LEU B 117 -7.95 -5.29 4.31
CA LEU B 117 -9.17 -6.07 4.40
C LEU B 117 -9.08 -7.41 3.67
N GLY B 118 -9.76 -8.40 4.26
CA GLY B 118 -9.88 -9.73 3.66
C GLY B 118 -11.35 -9.93 3.29
N THR B 119 -11.60 -10.60 2.18
CA THR B 119 -12.97 -10.85 1.70
C THR B 119 -12.98 -12.14 0.88
N ILE B 120 -14.12 -12.47 0.29
CA ILE B 120 -14.29 -13.68 -0.51
C ILE B 120 -14.85 -13.33 -1.88
N ASP B 121 -14.31 -14.00 -2.90
CA ASP B 121 -14.70 -13.79 -4.27
C ASP B 121 -16.20 -14.04 -4.44
N LYS B 122 -16.78 -14.88 -3.59
CA LYS B 122 -18.24 -15.17 -3.58
C LYS B 122 -19.07 -13.92 -3.37
N PHE B 123 -18.50 -12.94 -2.66
CA PHE B 123 -19.12 -11.62 -2.51
C PHE B 123 -18.77 -10.86 -3.77
N ILE B 124 -19.43 -11.24 -4.87
CA ILE B 124 -19.11 -10.73 -6.23
C ILE B 124 -19.18 -9.21 -6.28
N SER B 125 -20.24 -8.64 -5.73
CA SER B 125 -20.46 -7.19 -5.82
C SER B 125 -19.56 -6.39 -4.91
N ALA B 126 -19.28 -6.95 -3.73
CA ALA B 126 -18.36 -6.35 -2.76
C ALA B 126 -17.00 -6.09 -3.38
N GLN B 127 -16.58 -6.97 -4.29
CA GLN B 127 -15.26 -6.79 -4.98
C GLN B 127 -15.20 -5.49 -5.78
N TYR B 128 -16.25 -5.23 -6.56
CA TYR B 128 -16.33 -3.98 -7.35
C TYR B 128 -16.40 -2.79 -6.43
N PHE B 129 -17.20 -2.92 -5.37
CA PHE B 129 -17.37 -1.87 -4.39
C PHE B 129 -16.04 -1.38 -3.82
N TYR B 130 -15.22 -2.32 -3.35
CA TYR B 130 -13.91 -1.98 -2.77
C TYR B 130 -12.97 -1.32 -3.80
N SER B 131 -12.90 -1.87 -5.01
CA SER B 131 -12.11 -1.29 -6.09
C SER B 131 -12.57 0.11 -6.49
N ASN B 132 -13.86 0.41 -6.37
CA ASN B 132 -14.40 1.75 -6.70
C ASN B 132 -14.27 2.75 -5.53
N ASN B 133 -13.80 2.29 -4.38
CA ASN B 133 -13.70 3.11 -3.18
C ASN B 133 -12.32 3.08 -2.56
N GLY B 134 -11.32 3.14 -3.42
CA GLY B 134 -9.93 3.38 -3.00
C GLY B 134 -9.08 2.23 -2.57
N PHE B 135 -9.60 1.01 -2.68
CA PHE B 135 -8.85 -0.18 -2.30
C PHE B 135 -8.19 -0.79 -3.51
N ARG B 136 -6.92 -1.18 -3.35
CA ARG B 136 -6.23 -1.87 -4.39
C ARG B 136 -6.10 -3.33 -3.93
N GLU B 137 -6.02 -4.25 -4.87
CA GLU B 137 -5.90 -5.63 -4.50
C GLU B 137 -4.45 -5.96 -4.18
N ILE B 138 -4.26 -6.75 -3.12
CA ILE B 138 -2.95 -7.21 -2.68
C ILE B 138 -2.98 -8.74 -2.53
N LYS B 139 -1.84 -9.32 -2.21
CA LYS B 139 -1.68 -10.75 -2.01
C LYS B 139 -1.76 -11.07 -0.53
N ARG B 140 -2.08 -12.32 -0.23
CA ARG B 140 -2.07 -12.79 1.15
C ARG B 140 -0.72 -12.52 1.82
N GLY B 141 0.37 -12.72 1.09
CA GLY B 141 1.71 -12.44 1.60
C GLY B 141 2.04 -10.97 1.87
N ASP B 142 1.13 -10.06 1.48
CA ASP B 142 1.31 -8.63 1.71
C ASP B 142 0.66 -8.20 3.02
N LEU B 143 -0.12 -9.09 3.63
CA LEU B 143 -0.83 -8.75 4.86
C LEU B 143 0.15 -8.67 6.03
N PRO B 144 -0.09 -7.70 6.94
CA PRO B 144 0.77 -7.59 8.10
C PRO B 144 0.44 -8.71 9.07
N SER B 145 1.43 -9.08 9.89
CA SER B 145 1.26 -10.19 10.82
C SER B 145 0.15 -9.97 11.84
N SER B 146 -0.13 -8.72 12.20
CA SER B 146 -1.23 -8.44 13.15
C SER B 146 -2.63 -8.50 12.53
N PHE B 147 -2.70 -8.62 11.21
CA PHE B 147 -3.98 -8.69 10.50
C PHE B 147 -4.70 -9.98 10.90
N PRO B 148 -5.91 -9.88 11.50
CA PRO B 148 -6.62 -11.11 11.91
C PRO B 148 -7.17 -11.85 10.69
N LYS B 149 -6.69 -13.06 10.49
CA LYS B 149 -7.00 -13.88 9.32
C LYS B 149 -8.20 -14.82 9.51
N LEU B 150 -9.02 -14.93 8.46
CA LEU B 150 -10.13 -15.87 8.42
C LEU B 150 -9.81 -16.88 7.31
N ASP B 151 -9.97 -18.15 7.60
CA ASP B 151 -9.65 -19.20 6.62
C ASP B 151 -10.43 -19.05 5.33
N VAL B 152 -11.67 -18.59 5.40
CA VAL B 152 -12.52 -18.40 4.23
C VAL B 152 -12.11 -17.25 3.29
N ASP B 153 -11.36 -16.27 3.79
CA ASP B 153 -10.95 -15.14 2.97
C ASP B 153 -9.94 -15.54 1.88
N ASN B 154 -10.21 -15.11 0.65
CA ASN B 154 -9.36 -15.40 -0.49
C ASN B 154 -9.07 -14.24 -1.45
N ARG B 155 -9.49 -13.02 -1.07
CA ARG B 155 -9.18 -11.78 -1.78
C ARG B 155 -8.83 -10.74 -0.70
N PHE B 156 -7.83 -9.91 -0.98
CA PHE B 156 -7.28 -8.99 -0.02
C PHE B 156 -7.04 -7.67 -0.68
N TYR B 157 -7.23 -6.60 0.10
CA TYR B 157 -7.12 -5.24 -0.41
C TYR B 157 -6.52 -4.31 0.63
N TYR B 158 -6.10 -3.15 0.14
CA TYR B 158 -5.51 -2.10 0.98
C TYR B 158 -5.89 -0.72 0.43
N ARG B 159 -6.28 0.16 1.35
CA ARG B 159 -6.57 1.54 1.06
C ARG B 159 -5.64 2.41 1.90
N ASN B 160 -4.86 3.22 1.20
CA ASN B 160 -3.96 4.12 1.84
C ASN B 160 -4.72 5.40 2.20
N LEU B 161 -4.55 5.90 3.42
CA LEU B 161 -5.25 7.11 3.84
C LEU B 161 -4.31 8.31 3.83
N LYS B 162 -3.03 8.05 4.11
CA LYS B 162 -1.97 9.07 4.15
C LYS B 162 -1.57 9.49 2.75
#